data_1M6Y
#
_entry.id   1M6Y
#
_cell.length_a   133.400
_cell.length_b   133.400
_cell.length_c   133.400
_cell.angle_alpha   90.00
_cell.angle_beta   90.00
_cell.angle_gamma   90.00
#
_symmetry.space_group_name_H-M   'P 21 3'
#
loop_
_entity.id
_entity.type
_entity.pdbx_description
1 polymer 'S-adenosyl-methyltransferase mraW'
2 non-polymer 'SULFATE ION'
3 non-polymer S-ADENOSYL-L-HOMOCYSTEINE
4 water water
#
_entity_poly.entity_id   1
_entity_poly.type   'polypeptide(L)'
_entity_poly.pdbx_seq_one_letter_code
;GH(MSE)RKYSQRHIPV(MSE)VREVIEFLKPEDEKIILDCTVGEGGHSRAILEHCPGCRIIGIDVDSEVLRIAEEKLKE
FSDRVSLFKVSYREADFLLKTLGIEKVDGIL(MSE)DLGVSTYQLKGENRGFTFEREEPLD(MSE)R(MSE)DLESEVTA
QKVLNELPEEELARIIFEYGEEKRFARRIARKIVENRPLNTTLDLVKAVREALPSYEIRRRKRHFATKTFQAIRIYVNRE
LENLKEFLKKAEDLLNPGGRIVVISFHSLEDRIVKETFRNSKKLRILTEKPVRPSEEEIRENPRARSGRLRAAERIEEGG
D
;
_entity_poly.pdbx_strand_id   A,B
#
# COMPACT_ATOMS: atom_id res chain seq x y z
N ARG A 4 -0.20 9.90 40.96
CA ARG A 4 -0.37 8.42 40.95
C ARG A 4 -1.56 8.01 41.80
N LYS A 5 -2.48 7.26 41.21
CA LYS A 5 -3.67 6.81 41.93
C LYS A 5 -3.69 5.28 42.02
N TYR A 6 -3.37 4.60 40.92
CA TYR A 6 -3.34 3.14 40.91
C TYR A 6 -2.21 2.63 41.78
N SER A 7 -2.43 1.50 42.43
CA SER A 7 -1.42 0.91 43.29
C SER A 7 -0.17 0.48 42.53
N GLN A 8 0.97 0.49 43.20
CA GLN A 8 2.22 0.10 42.56
C GLN A 8 2.22 -1.43 42.40
N ARG A 9 1.55 -2.10 43.34
CA ARG A 9 1.47 -3.55 43.32
C ARG A 9 0.31 -4.02 42.45
N HIS A 10 0.56 -5.07 41.66
CA HIS A 10 -0.49 -5.62 40.81
C HIS A 10 -1.27 -6.66 41.61
N ILE A 11 -2.56 -6.42 41.78
CA ILE A 11 -3.43 -7.31 42.53
C ILE A 11 -4.63 -7.74 41.71
N PRO A 12 -4.87 -9.06 41.61
CA PRO A 12 -6.01 -9.57 40.84
C PRO A 12 -7.33 -9.13 41.48
N VAL A 13 -8.24 -8.61 40.67
CA VAL A 13 -9.52 -8.17 41.19
C VAL A 13 -10.47 -9.30 41.60
N VAL A 15 -10.33 -11.88 43.55
N VAL A 15 -10.33 -11.88 43.56
CA VAL A 15 -9.80 -13.23 43.40
CA VAL A 15 -9.80 -13.22 43.42
C VAL A 15 -10.63 -14.28 44.14
C VAL A 15 -10.66 -14.27 44.12
N ARG A 16 -11.13 -13.95 45.33
CA ARG A 16 -11.94 -14.89 46.08
C ARG A 16 -13.22 -15.27 45.36
N GLU A 17 -13.88 -14.28 44.77
CA GLU A 17 -15.12 -14.53 44.04
C GLU A 17 -14.84 -15.32 42.76
N VAL A 18 -13.72 -15.04 42.11
CA VAL A 18 -13.35 -15.75 40.89
C VAL A 18 -13.18 -17.24 41.21
N ILE A 19 -12.45 -17.54 42.27
CA ILE A 19 -12.24 -18.94 42.67
C ILE A 19 -13.58 -19.59 43.00
N GLU A 20 -14.39 -18.86 43.76
CA GLU A 20 -15.71 -19.35 44.14
C GLU A 20 -16.59 -19.76 42.97
N PHE A 21 -16.67 -18.92 41.94
CA PHE A 21 -17.53 -19.20 40.79
C PHE A 21 -16.91 -20.10 39.71
N LEU A 22 -15.59 -20.07 39.60
N LEU A 22 -15.59 -20.07 39.59
CA LEU A 22 -14.90 -20.88 38.61
CA LEU A 22 -14.92 -20.89 38.60
C LEU A 22 -14.74 -22.31 39.10
C LEU A 22 -14.82 -22.33 39.10
N LYS A 23 -14.67 -22.47 40.42
CA LYS A 23 -14.52 -23.79 41.05
C LYS A 23 -13.34 -24.61 40.54
N PRO A 24 -12.12 -24.03 40.56
CA PRO A 24 -10.97 -24.80 40.07
C PRO A 24 -10.73 -25.96 41.05
N GLU A 25 -10.74 -27.19 40.55
CA GLU A 25 -10.51 -28.34 41.42
C GLU A 25 -10.20 -29.54 40.55
N ASP A 26 -9.77 -30.62 41.20
CA ASP A 26 -9.42 -31.85 40.52
C ASP A 26 -8.42 -31.57 39.39
N GLU A 27 -8.76 -31.92 38.15
CA GLU A 27 -7.86 -31.69 37.03
C GLU A 27 -8.55 -30.91 35.91
N LYS A 28 -9.23 -29.85 36.29
CA LYS A 28 -9.94 -29.02 35.31
C LYS A 28 -8.97 -28.23 34.43
N ILE A 29 -9.37 -27.98 33.18
CA ILE A 29 -8.56 -27.18 32.27
C ILE A 29 -9.28 -25.83 32.27
N ILE A 30 -8.55 -24.75 32.52
CA ILE A 30 -9.14 -23.42 32.57
C ILE A 30 -8.54 -22.49 31.51
N LEU A 31 -9.40 -21.77 30.80
CA LEU A 31 -8.93 -20.82 29.80
C LEU A 31 -9.01 -19.43 30.45
N ASP A 32 -7.87 -18.78 30.64
CA ASP A 32 -7.82 -17.42 31.19
C ASP A 32 -7.67 -16.56 29.93
N CYS A 33 -8.78 -15.97 29.49
CA CYS A 33 -8.85 -15.17 28.27
C CYS A 33 -8.10 -13.84 28.27
N THR A 34 -7.73 -13.38 29.45
CA THR A 34 -7.09 -12.08 29.64
C THR A 34 -6.07 -12.29 30.75
N VAL A 35 -5.08 -13.13 30.47
CA VAL A 35 -4.15 -13.50 31.53
C VAL A 35 -3.39 -12.35 32.15
N GLY A 36 -3.11 -11.32 31.36
CA GLY A 36 -2.42 -10.16 31.90
C GLY A 36 -1.08 -10.52 32.52
N GLU A 37 -0.85 -10.04 33.73
CA GLU A 37 0.39 -10.31 34.47
C GLU A 37 0.32 -11.64 35.22
N GLY A 38 -0.78 -12.36 35.04
CA GLY A 38 -0.93 -13.66 35.66
C GLY A 38 -1.52 -13.71 37.07
N GLY A 39 -2.07 -12.60 37.53
CA GLY A 39 -2.64 -12.55 38.87
C GLY A 39 -3.70 -13.60 39.19
N HIS A 40 -4.76 -13.66 38.39
CA HIS A 40 -5.81 -14.65 38.62
C HIS A 40 -5.31 -16.06 38.38
N SER A 41 -4.53 -16.24 37.32
CA SER A 41 -4.03 -17.58 37.01
C SER A 41 -3.13 -18.10 38.13
N ARG A 42 -2.29 -17.25 38.69
CA ARG A 42 -1.43 -17.70 39.78
C ARG A 42 -2.28 -18.17 40.97
N ALA A 43 -3.33 -17.42 41.29
CA ALA A 43 -4.20 -17.79 42.40
C ALA A 43 -4.92 -19.11 42.13
N ILE A 44 -5.34 -19.34 40.89
CA ILE A 44 -6.00 -20.59 40.54
C ILE A 44 -5.03 -21.78 40.69
N LEU A 45 -3.80 -21.60 40.20
CA LEU A 45 -2.79 -22.66 40.28
C LEU A 45 -2.38 -22.97 41.71
N GLU A 46 -2.44 -21.96 42.57
CA GLU A 46 -2.09 -22.15 43.97
C GLU A 46 -3.25 -22.86 44.67
N HIS A 47 -4.46 -22.56 44.24
CA HIS A 47 -5.65 -23.15 44.84
C HIS A 47 -5.91 -24.59 44.40
N CYS A 48 -5.52 -24.91 43.16
CA CYS A 48 -5.76 -26.24 42.61
C CYS A 48 -4.49 -26.86 42.03
N PRO A 49 -3.87 -27.80 42.75
CA PRO A 49 -2.64 -28.44 42.26
C PRO A 49 -2.76 -29.28 41.01
N GLY A 50 -3.97 -29.68 40.64
CA GLY A 50 -4.13 -30.52 39.46
C GLY A 50 -4.64 -29.83 38.21
N CYS A 51 -5.05 -28.58 38.34
CA CYS A 51 -5.58 -27.86 37.18
C CYS A 51 -4.52 -27.51 36.13
N ARG A 52 -4.97 -27.23 34.91
CA ARG A 52 -4.09 -26.83 33.79
C ARG A 52 -4.68 -25.50 33.30
N ILE A 53 -3.83 -24.52 33.01
CA ILE A 53 -4.32 -23.25 32.51
C ILE A 53 -3.74 -22.93 31.14
N ILE A 54 -4.60 -22.41 30.26
CA ILE A 54 -4.18 -21.95 28.94
C ILE A 54 -4.44 -20.44 29.14
N GLY A 55 -3.37 -19.64 29.17
CA GLY A 55 -3.54 -18.21 29.40
C GLY A 55 -3.16 -17.42 28.15
N ILE A 56 -4.02 -16.47 27.77
CA ILE A 56 -3.77 -15.71 26.56
C ILE A 56 -3.93 -14.22 26.76
N ASP A 57 -3.25 -13.44 25.93
CA ASP A 57 -3.34 -12.00 25.99
C ASP A 57 -2.86 -11.47 24.65
N VAL A 58 -3.21 -10.23 24.32
CA VAL A 58 -2.72 -9.68 23.06
C VAL A 58 -1.49 -8.80 23.32
N ASP A 59 -1.17 -8.54 24.59
CA ASP A 59 -0.01 -7.68 24.94
C ASP A 59 1.23 -8.55 25.27
N SER A 60 2.18 -8.65 24.34
CA SER A 60 3.36 -9.47 24.61
C SER A 60 4.12 -9.03 25.86
N GLU A 61 4.10 -7.73 26.17
CA GLU A 61 4.85 -7.27 27.33
C GLU A 61 4.28 -7.77 28.66
N VAL A 62 2.95 -7.89 28.78
N VAL A 62 2.96 -7.90 28.75
CA VAL A 62 2.45 -8.42 30.05
CA VAL A 62 2.37 -8.41 29.99
C VAL A 62 2.64 -9.93 30.08
C VAL A 62 2.59 -9.91 30.07
N LEU A 63 2.63 -10.57 28.91
CA LEU A 63 2.84 -12.02 28.88
C LEU A 63 4.25 -12.33 29.40
N ARG A 64 5.22 -11.45 29.15
CA ARG A 64 6.58 -11.66 29.67
C ARG A 64 6.56 -11.63 31.18
N ILE A 65 5.77 -10.70 31.73
CA ILE A 65 5.63 -10.61 33.17
C ILE A 65 4.94 -11.87 33.70
N ALA A 66 3.86 -12.29 33.05
CA ALA A 66 3.16 -13.50 33.52
C ALA A 66 4.06 -14.72 33.47
N GLU A 67 4.87 -14.84 32.42
CA GLU A 67 5.71 -16.02 32.31
C GLU A 67 6.68 -16.11 33.48
N GLU A 68 7.19 -14.96 33.93
CA GLU A 68 8.10 -14.98 35.09
C GLU A 68 7.33 -15.22 36.39
N LYS A 69 6.18 -14.54 36.54
CA LYS A 69 5.37 -14.68 37.75
C LYS A 69 4.84 -16.09 37.97
N LEU A 70 4.55 -16.79 36.87
CA LEU A 70 3.99 -18.14 36.95
C LEU A 70 5.04 -19.26 36.84
N LYS A 71 6.31 -18.87 36.86
CA LYS A 71 7.47 -19.77 36.72
C LYS A 71 7.39 -21.07 37.52
N GLU A 72 6.95 -20.98 38.77
CA GLU A 72 6.89 -22.18 39.61
C GLU A 72 5.79 -23.15 39.22
N PHE A 73 4.91 -22.73 38.31
CA PHE A 73 3.82 -23.58 37.84
C PHE A 73 3.93 -23.82 36.34
N SER A 74 5.11 -23.58 35.79
CA SER A 74 5.30 -23.70 34.34
C SER A 74 4.88 -25.01 33.69
N ASP A 75 4.86 -26.10 34.46
CA ASP A 75 4.45 -27.37 33.88
C ASP A 75 2.95 -27.49 33.75
N ARG A 76 2.22 -26.57 34.38
CA ARG A 76 0.75 -26.63 34.32
C ARG A 76 0.09 -25.42 33.68
N VAL A 77 0.87 -24.43 33.26
CA VAL A 77 0.27 -23.29 32.58
C VAL A 77 1.11 -22.96 31.36
N SER A 78 0.43 -22.63 30.27
CA SER A 78 1.06 -22.27 29.02
C SER A 78 0.48 -20.91 28.61
N LEU A 79 1.31 -20.06 28.02
CA LEU A 79 0.88 -18.72 27.62
C LEU A 79 1.01 -18.52 26.12
N PHE A 80 0.06 -17.78 25.55
CA PHE A 80 0.04 -17.54 24.10
C PHE A 80 -0.40 -16.12 23.81
N LYS A 81 0.15 -15.56 22.73
CA LYS A 81 -0.24 -14.22 22.32
C LYS A 81 -1.32 -14.41 21.25
N VAL A 82 -2.57 -14.27 21.66
CA VAL A 82 -3.66 -14.42 20.72
C VAL A 82 -4.91 -13.78 21.33
N SER A 83 -5.75 -13.20 20.48
CA SER A 83 -6.99 -12.59 20.97
C SER A 83 -7.92 -13.70 21.42
N TYR A 84 -8.70 -13.47 22.48
CA TYR A 84 -9.62 -14.53 22.88
C TYR A 84 -10.64 -14.84 21.78
N ARG A 85 -10.78 -13.94 20.80
CA ARG A 85 -11.70 -14.22 19.68
C ARG A 85 -11.26 -15.46 18.92
N GLU A 86 -9.96 -15.77 18.99
CA GLU A 86 -9.43 -16.96 18.32
C GLU A 86 -9.05 -18.06 19.32
N ALA A 87 -9.56 -17.98 20.54
CA ALA A 87 -9.25 -19.00 21.53
C ALA A 87 -9.70 -20.39 21.10
N ASP A 88 -10.82 -20.46 20.38
CA ASP A 88 -11.33 -21.75 19.94
C ASP A 88 -10.30 -22.52 19.11
N PHE A 89 -9.72 -21.90 18.09
CA PHE A 89 -8.70 -22.62 17.30
C PHE A 89 -7.38 -22.78 18.02
N LEU A 90 -7.05 -21.85 18.93
CA LEU A 90 -5.82 -22.03 19.67
C LEU A 90 -5.97 -23.37 20.43
N LEU A 91 -7.09 -23.54 21.10
CA LEU A 91 -7.31 -24.77 21.86
C LEU A 91 -7.19 -25.99 20.96
N LYS A 92 -7.79 -25.92 19.78
CA LYS A 92 -7.71 -27.05 18.85
C LYS A 92 -6.27 -27.39 18.48
N THR A 93 -5.42 -26.37 18.26
CA THR A 93 -4.02 -26.63 17.90
C THR A 93 -3.30 -27.32 19.06
N LEU A 94 -3.87 -27.21 20.27
CA LEU A 94 -3.28 -27.84 21.45
C LEU A 94 -3.92 -29.20 21.73
N GLY A 95 -4.90 -29.58 20.92
CA GLY A 95 -5.56 -30.87 21.09
C GLY A 95 -6.70 -30.80 22.09
N ILE A 96 -7.15 -29.59 22.39
CA ILE A 96 -8.22 -29.40 23.36
C ILE A 96 -9.47 -28.90 22.66
N GLU A 97 -10.58 -29.61 22.85
CA GLU A 97 -11.85 -29.23 22.22
C GLU A 97 -12.74 -28.42 23.14
N LYS A 98 -12.67 -28.69 24.43
CA LYS A 98 -13.47 -27.96 25.39
C LYS A 98 -12.72 -27.77 26.69
N VAL A 99 -13.14 -26.80 27.48
CA VAL A 99 -12.49 -26.55 28.76
C VAL A 99 -13.53 -26.57 29.87
N ASP A 100 -13.07 -26.59 31.12
CA ASP A 100 -13.96 -26.63 32.27
C ASP A 100 -14.22 -25.27 32.88
N GLY A 101 -13.44 -24.29 32.46
CA GLY A 101 -13.63 -22.96 33.01
C GLY A 101 -13.11 -21.91 32.05
N ILE A 102 -13.79 -20.76 32.04
CA ILE A 102 -13.40 -19.64 31.20
C ILE A 102 -13.43 -18.40 32.08
N LEU A 103 -12.32 -17.66 32.11
CA LEU A 103 -12.24 -16.46 32.93
C LEU A 103 -11.92 -15.25 32.06
N ASP A 105 -11.27 -10.93 32.49
CA ASP A 105 -11.11 -9.76 33.35
C ASP A 105 -10.90 -8.64 32.32
N LEU A 106 -11.95 -7.85 32.08
CA LEU A 106 -11.91 -6.83 31.03
C LEU A 106 -11.34 -5.45 31.33
N GLY A 107 -10.37 -5.38 32.23
CA GLY A 107 -9.79 -4.09 32.56
C GLY A 107 -8.46 -3.79 31.87
N VAL A 108 -7.58 -3.13 32.62
CA VAL A 108 -6.25 -2.75 32.14
C VAL A 108 -5.30 -3.22 33.22
N SER A 109 -4.17 -3.77 32.84
CA SER A 109 -3.23 -4.27 33.84
C SER A 109 -2.41 -3.13 34.45
N THR A 110 -1.88 -3.38 35.64
CA THR A 110 -1.08 -2.42 36.37
C THR A 110 0.08 -1.94 35.53
N TYR A 111 0.79 -2.90 34.94
CA TYR A 111 1.94 -2.55 34.12
C TYR A 111 1.48 -1.73 32.91
N GLN A 112 0.31 -2.02 32.37
CA GLN A 112 -0.15 -1.24 31.23
C GLN A 112 -0.38 0.22 31.64
N LEU A 113 -1.01 0.40 32.80
CA LEU A 113 -1.28 1.75 33.32
C LEU A 113 -0.02 2.52 33.74
N LYS A 114 0.88 1.86 34.45
CA LYS A 114 2.06 2.53 34.98
C LYS A 114 3.44 2.33 34.37
N GLY A 115 3.66 1.25 33.62
CA GLY A 115 4.99 1.06 33.08
C GLY A 115 5.21 1.00 31.60
N GLU A 116 4.14 0.89 30.82
CA GLU A 116 4.30 0.80 29.38
C GLU A 116 4.50 2.12 28.65
N ASN A 117 4.25 3.23 29.31
CA ASN A 117 4.38 4.56 28.68
C ASN A 117 3.51 4.64 27.41
N ARG A 118 2.31 4.10 27.48
CA ARG A 118 1.40 4.10 26.33
C ARG A 118 0.21 5.05 26.49
N GLY A 119 0.21 5.83 27.56
CA GLY A 119 -0.87 6.79 27.77
C GLY A 119 -2.26 6.25 28.08
N PHE A 120 -2.33 5.09 28.72
CA PHE A 120 -3.62 4.51 29.13
C PHE A 120 -4.23 5.40 30.20
N THR A 121 -3.38 6.04 31.00
CA THR A 121 -3.93 6.92 32.02
C THR A 121 -3.23 8.27 31.97
N PHE A 122 -3.63 9.17 32.85
CA PHE A 122 -3.07 10.52 32.85
C PHE A 122 -2.37 10.93 34.14
N GLU A 123 -1.81 9.97 34.85
CA GLU A 123 -1.07 10.29 36.07
C GLU A 123 0.17 11.07 35.62
N ARG A 124 0.64 10.77 34.41
CA ARG A 124 1.82 11.45 33.87
C ARG A 124 1.70 11.72 32.37
N GLU A 125 2.61 12.54 31.87
CA GLU A 125 2.64 12.89 30.46
C GLU A 125 3.24 11.73 29.68
N GLU A 126 2.44 11.13 28.79
CA GLU A 126 2.89 10.00 27.98
C GLU A 126 2.29 10.13 26.59
N PRO A 127 2.88 9.42 25.60
CA PRO A 127 2.32 9.51 24.24
C PRO A 127 0.90 8.93 24.22
N LEU A 128 0.09 9.39 23.27
CA LEU A 128 -1.28 8.90 23.13
C LEU A 128 -1.22 7.65 22.25
N ASP A 129 -0.99 6.50 22.88
CA ASP A 129 -0.85 5.24 22.14
C ASP A 129 -2.04 4.35 22.45
N ARG A 131 -2.46 1.25 22.69
CA ARG A 131 -2.62 -0.06 22.06
C ARG A 131 -2.21 -1.14 23.06
N ASP A 133 -2.07 -4.25 22.01
CA ASP A 133 -1.21 -5.03 21.09
C ASP A 133 -0.41 -4.03 20.27
N LEU A 134 0.88 -3.88 20.57
CA LEU A 134 1.71 -2.92 19.83
C LEU A 134 1.85 -3.21 18.34
N GLU A 135 1.41 -4.39 17.93
CA GLU A 135 1.48 -4.78 16.53
C GLU A 135 0.32 -4.18 15.73
N SER A 136 -0.71 -3.68 16.40
CA SER A 136 -1.83 -3.08 15.66
C SER A 136 -1.40 -1.70 15.18
N GLU A 137 -2.03 -1.24 14.10
CA GLU A 137 -1.67 0.05 13.51
C GLU A 137 -2.35 1.28 14.10
N VAL A 138 -3.58 1.12 14.57
CA VAL A 138 -4.33 2.27 15.10
C VAL A 138 -3.95 2.68 16.51
N THR A 139 -3.55 3.94 16.68
CA THR A 139 -3.18 4.49 17.99
C THR A 139 -4.22 5.51 18.43
N ALA A 140 -4.23 5.80 19.72
CA ALA A 140 -5.17 6.80 20.23
C ALA A 140 -4.85 8.13 19.54
N GLN A 141 -3.56 8.43 19.32
CA GLN A 141 -3.21 9.70 18.66
C GLN A 141 -3.87 9.83 17.29
N LYS A 142 -3.75 8.79 16.47
CA LYS A 142 -4.32 8.81 15.14
C LYS A 142 -5.84 8.98 15.19
N VAL A 143 -6.47 8.28 16.14
CA VAL A 143 -7.91 8.35 16.31
C VAL A 143 -8.32 9.77 16.69
N LEU A 144 -7.63 10.34 17.67
CA LEU A 144 -7.96 11.67 18.15
C LEU A 144 -7.69 12.76 17.12
N ASN A 145 -6.66 12.59 16.29
CA ASN A 145 -6.36 13.61 15.30
C ASN A 145 -7.00 13.44 13.94
N GLU A 146 -7.46 12.24 13.62
CA GLU A 146 -8.01 12.02 12.28
C GLU A 146 -9.46 11.61 12.14
N LEU A 147 -10.06 11.02 13.16
CA LEU A 147 -11.44 10.60 13.02
C LEU A 147 -12.40 11.77 12.86
N PRO A 148 -13.48 11.57 12.09
CA PRO A 148 -14.47 12.64 11.89
C PRO A 148 -14.99 13.01 13.28
N GLU A 149 -15.30 14.28 13.48
CA GLU A 149 -15.79 14.73 14.78
C GLU A 149 -17.05 14.00 15.24
N GLU A 150 -17.95 13.69 14.31
CA GLU A 150 -19.19 13.01 14.70
C GLU A 150 -18.91 11.60 15.19
N GLU A 151 -17.86 10.98 14.65
CA GLU A 151 -17.51 9.63 15.11
C GLU A 151 -16.89 9.70 16.49
N LEU A 152 -16.08 10.74 16.74
CA LEU A 152 -15.49 10.90 18.07
C LEU A 152 -16.62 11.11 19.07
N ALA A 153 -17.62 11.90 18.67
CA ALA A 153 -18.75 12.16 19.57
C ALA A 153 -19.47 10.85 19.89
N ARG A 154 -19.67 10.02 18.86
CA ARG A 154 -20.36 8.73 19.04
C ARG A 154 -19.57 7.84 20.01
N ILE A 155 -18.27 7.79 19.81
CA ILE A 155 -17.38 6.96 20.65
C ILE A 155 -17.42 7.39 22.13
N ILE A 156 -17.33 8.69 22.35
CA ILE A 156 -17.32 9.23 23.70
C ILE A 156 -18.68 9.01 24.38
N PHE A 157 -19.75 9.10 23.59
CA PHE A 157 -21.08 8.86 24.13
C PHE A 157 -21.29 7.38 24.47
N GLU A 158 -21.01 6.52 23.49
CA GLU A 158 -21.25 5.09 23.64
C GLU A 158 -20.25 4.35 24.52
N TYR A 159 -18.96 4.57 24.29
CA TYR A 159 -17.94 3.88 25.08
C TYR A 159 -17.55 4.61 26.34
N GLY A 160 -17.63 5.94 26.31
CA GLY A 160 -17.27 6.69 27.50
C GLY A 160 -18.44 6.88 28.44
N GLU A 161 -19.65 6.68 27.91
CA GLU A 161 -20.86 6.89 28.67
C GLU A 161 -20.98 8.35 29.14
N GLU A 162 -20.50 9.28 28.32
CA GLU A 162 -20.65 10.72 28.61
C GLU A 162 -21.98 11.03 27.95
N LYS A 163 -23.05 10.86 28.70
CA LYS A 163 -24.40 11.04 28.17
C LYS A 163 -24.86 12.47 27.96
N ARG A 164 -24.10 13.43 28.43
CA ARG A 164 -24.48 14.82 28.24
C ARG A 164 -23.41 15.63 27.51
N PHE A 165 -22.15 15.39 27.84
CA PHE A 165 -21.07 16.18 27.26
C PHE A 165 -20.27 15.58 26.11
N ALA A 166 -20.70 14.45 25.57
CA ALA A 166 -19.96 13.82 24.47
C ALA A 166 -19.67 14.74 23.29
N ARG A 167 -20.66 15.49 22.81
CA ARG A 167 -20.42 16.36 21.68
C ARG A 167 -19.43 17.48 21.98
N ARG A 168 -19.53 18.06 23.16
CA ARG A 168 -18.62 19.15 23.50
C ARG A 168 -17.19 18.63 23.68
N ILE A 169 -17.04 17.42 24.23
CA ILE A 169 -15.70 16.86 24.39
C ILE A 169 -15.11 16.60 22.99
N ALA A 170 -15.93 16.06 22.08
CA ALA A 170 -15.43 15.81 20.73
C ALA A 170 -15.01 17.14 20.09
N ARG A 171 -15.80 18.17 20.30
CA ARG A 171 -15.47 19.49 19.74
C ARG A 171 -14.14 20.03 20.28
N LYS A 172 -13.93 19.90 21.58
CA LYS A 172 -12.68 20.39 22.17
C LYS A 172 -11.49 19.56 21.74
N ILE A 173 -11.71 18.27 21.48
CA ILE A 173 -10.59 17.45 20.99
C ILE A 173 -10.20 17.99 19.62
N VAL A 174 -11.19 18.19 18.75
CA VAL A 174 -10.90 18.72 17.43
C VAL A 174 -10.22 20.09 17.56
N GLU A 175 -10.72 20.93 18.47
CA GLU A 175 -10.12 22.26 18.63
C GLU A 175 -8.68 22.23 19.11
N ASN A 176 -8.30 21.14 19.79
CA ASN A 176 -6.95 21.00 20.30
C ASN A 176 -5.97 20.24 19.40
N ARG A 177 -6.40 19.88 18.20
CA ARG A 177 -5.53 19.16 17.26
C ARG A 177 -4.35 20.03 16.81
N PRO A 178 -3.18 19.40 16.63
CA PRO A 178 -2.95 17.96 16.84
C PRO A 178 -2.64 17.66 18.31
N LEU A 179 -3.21 16.57 18.83
CA LEU A 179 -2.91 16.20 20.20
C LEU A 179 -1.69 15.28 20.15
N ASN A 180 -0.83 15.34 21.16
CA ASN A 180 0.36 14.50 21.17
C ASN A 180 0.54 13.70 22.43
N THR A 181 0.09 14.23 23.56
CA THR A 181 0.28 13.53 24.83
C THR A 181 -0.99 13.41 25.63
N THR A 182 -0.90 12.60 26.68
CA THR A 182 -2.00 12.41 27.61
C THR A 182 -2.46 13.75 28.19
N LEU A 183 -1.52 14.66 28.41
CA LEU A 183 -1.91 15.96 28.96
C LEU A 183 -2.70 16.78 27.97
N ASP A 184 -2.48 16.56 26.66
CA ASP A 184 -3.24 17.28 25.65
C ASP A 184 -4.69 16.83 25.66
N LEU A 185 -4.91 15.53 25.88
CA LEU A 185 -6.27 15.01 25.94
C LEU A 185 -6.96 15.50 27.21
N VAL A 186 -6.25 15.50 28.33
CA VAL A 186 -6.84 16.00 29.57
C VAL A 186 -7.28 17.47 29.39
N LYS A 187 -6.44 18.27 28.71
CA LYS A 187 -6.74 19.68 28.46
C LYS A 187 -8.06 19.84 27.69
N ALA A 188 -8.24 19.02 26.66
CA ALA A 188 -9.45 19.04 25.83
C ALA A 188 -10.68 18.71 26.67
N VAL A 189 -10.60 17.66 27.49
CA VAL A 189 -11.74 17.33 28.30
C VAL A 189 -12.03 18.44 29.31
N ARG A 190 -10.97 19.02 29.88
CA ARG A 190 -11.14 20.07 30.88
C ARG A 190 -11.85 21.29 30.28
N GLU A 191 -11.48 21.63 29.05
CA GLU A 191 -12.11 22.77 28.37
C GLU A 191 -13.57 22.48 28.01
N ALA A 192 -13.93 21.20 27.90
CA ALA A 192 -15.31 20.84 27.55
C ALA A 192 -16.26 20.82 28.74
N LEU A 193 -15.72 20.62 29.95
CA LEU A 193 -16.56 20.54 31.15
C LEU A 193 -16.49 21.77 32.04
N PRO A 194 -17.66 22.28 32.49
CA PRO A 194 -17.71 23.46 33.35
C PRO A 194 -17.07 23.14 34.69
N SER A 195 -16.53 24.14 35.38
CA SER A 195 -15.91 23.92 36.68
C SER A 195 -16.81 23.18 37.64
N TYR A 196 -18.09 23.54 37.70
CA TYR A 196 -18.97 22.85 38.64
C TYR A 196 -19.13 21.37 38.33
N GLU A 197 -19.03 21.01 37.04
CA GLU A 197 -19.19 19.60 36.63
C GLU A 197 -17.95 18.80 37.01
N ILE A 198 -16.77 19.40 36.86
CA ILE A 198 -15.54 18.73 37.23
C ILE A 198 -15.53 18.47 38.73
N ARG A 199 -15.92 19.47 39.50
CA ARG A 199 -15.94 19.32 40.96
C ARG A 199 -16.99 18.33 41.41
N ARG A 200 -18.10 18.26 40.69
CA ARG A 200 -19.20 17.37 41.04
C ARG A 200 -18.87 15.88 40.88
N ARG A 201 -18.03 15.56 39.89
CA ARG A 201 -17.66 14.18 39.62
C ARG A 201 -16.80 13.52 40.68
N LYS A 202 -17.06 12.25 40.94
CA LYS A 202 -16.30 11.47 41.91
C LYS A 202 -14.93 11.15 41.35
N ARG A 203 -14.90 10.56 40.16
CA ARG A 203 -13.66 10.19 39.50
C ARG A 203 -13.10 11.36 38.70
N HIS A 204 -11.79 11.33 38.45
CA HIS A 204 -11.15 12.39 37.68
C HIS A 204 -11.98 12.57 36.40
N PHE A 205 -12.22 13.83 36.04
CA PHE A 205 -13.04 14.18 34.89
C PHE A 205 -12.64 13.59 33.53
N ALA A 206 -11.36 13.25 33.35
CA ALA A 206 -10.94 12.69 32.07
C ALA A 206 -11.08 11.17 31.97
N THR A 207 -11.43 10.53 33.07
CA THR A 207 -11.55 9.07 33.11
C THR A 207 -12.37 8.45 31.98
N LYS A 208 -13.61 8.91 31.81
CA LYS A 208 -14.49 8.35 30.79
C LYS A 208 -14.03 8.53 29.36
N THR A 209 -13.46 9.69 29.05
CA THR A 209 -12.99 9.95 27.69
C THR A 209 -11.78 9.03 27.39
N PHE A 210 -10.85 8.91 28.34
CA PHE A 210 -9.71 8.02 28.11
C PHE A 210 -10.20 6.60 27.89
N GLN A 211 -11.20 6.18 28.69
CA GLN A 211 -11.72 4.83 28.55
C GLN A 211 -12.36 4.62 27.18
N ALA A 212 -13.12 5.61 26.72
CA ALA A 212 -13.77 5.54 25.41
C ALA A 212 -12.78 5.30 24.29
N ILE A 213 -11.71 6.10 24.26
CA ILE A 213 -10.70 5.98 23.22
C ILE A 213 -10.00 4.61 23.31
N ARG A 214 -9.69 4.19 24.53
CA ARG A 214 -9.03 2.88 24.74
C ARG A 214 -9.87 1.73 24.17
N ILE A 215 -11.16 1.71 24.52
CA ILE A 215 -12.04 0.67 24.07
C ILE A 215 -12.10 0.65 22.53
N TYR A 216 -12.18 1.83 21.93
CA TYR A 216 -12.23 1.93 20.47
C TYR A 216 -10.95 1.40 19.83
N VAL A 217 -9.82 1.87 20.33
CA VAL A 217 -8.51 1.47 19.80
C VAL A 217 -8.31 -0.05 19.90
N ASN A 218 -8.80 -0.64 20.98
CA ASN A 218 -8.61 -2.06 21.20
C ASN A 218 -9.79 -2.96 20.87
N ARG A 219 -10.81 -2.37 20.25
CA ARG A 219 -12.03 -3.07 19.85
C ARG A 219 -12.57 -3.93 20.98
N GLU A 220 -12.49 -3.42 22.19
CA GLU A 220 -12.90 -4.20 23.34
C GLU A 220 -14.35 -4.63 23.40
N LEU A 221 -15.27 -3.76 23.00
CA LEU A 221 -16.68 -4.09 23.05
C LEU A 221 -17.07 -5.07 21.96
N GLU A 222 -16.57 -4.84 20.74
CA GLU A 222 -16.83 -5.71 19.60
C GLU A 222 -16.25 -7.10 19.88
N ASN A 223 -15.03 -7.16 20.41
CA ASN A 223 -14.42 -8.46 20.73
C ASN A 223 -15.24 -9.23 21.75
N LEU A 224 -15.66 -8.56 22.82
CA LEU A 224 -16.45 -9.21 23.86
C LEU A 224 -17.76 -9.76 23.29
N LYS A 225 -18.47 -8.93 22.52
CA LYS A 225 -19.73 -9.36 21.94
C LYS A 225 -19.56 -10.59 21.06
N GLU A 226 -18.56 -10.59 20.20
CA GLU A 226 -18.34 -11.72 19.32
C GLU A 226 -17.93 -12.99 20.07
N PHE A 227 -17.08 -12.85 21.08
CA PHE A 227 -16.65 -14.03 21.84
C PHE A 227 -17.80 -14.64 22.65
N LEU A 228 -18.57 -13.78 23.30
CA LEU A 228 -19.69 -14.23 24.12
C LEU A 228 -20.74 -15.02 23.36
N LYS A 229 -20.87 -14.75 22.06
CA LYS A 229 -21.86 -15.47 21.26
C LYS A 229 -21.63 -16.98 21.27
N LYS A 230 -20.37 -17.40 21.23
CA LYS A 230 -20.07 -18.82 21.19
C LYS A 230 -19.23 -19.38 22.32
N ALA A 231 -18.96 -18.57 23.34
CA ALA A 231 -18.15 -19.02 24.47
C ALA A 231 -18.74 -20.32 25.06
N GLU A 232 -20.06 -20.41 25.13
CA GLU A 232 -20.73 -21.59 25.67
C GLU A 232 -20.31 -22.87 24.97
N ASP A 233 -20.00 -22.79 23.67
CA ASP A 233 -19.59 -23.97 22.91
C ASP A 233 -18.23 -24.51 23.32
N LEU A 234 -17.47 -23.74 24.08
CA LEU A 234 -16.14 -24.17 24.52
C LEU A 234 -16.18 -24.88 25.86
N LEU A 235 -17.32 -24.85 26.51
CA LEU A 235 -17.47 -25.45 27.82
C LEU A 235 -17.96 -26.88 27.89
N ASN A 236 -17.30 -27.67 28.73
CA ASN A 236 -17.72 -29.06 28.99
C ASN A 236 -18.96 -28.93 29.85
N PRO A 237 -19.74 -30.01 29.98
CA PRO A 237 -20.94 -29.93 30.83
C PRO A 237 -20.49 -29.54 32.24
N GLY A 238 -21.24 -28.66 32.90
CA GLY A 238 -20.87 -28.23 34.24
C GLY A 238 -19.78 -27.15 34.26
N GLY A 239 -19.22 -26.84 33.10
CA GLY A 239 -18.19 -25.80 33.04
C GLY A 239 -18.69 -24.45 33.49
N ARG A 240 -17.78 -23.62 33.96
CA ARG A 240 -18.11 -22.29 34.46
C ARG A 240 -17.45 -21.19 33.65
N ILE A 241 -18.19 -20.11 33.40
CA ILE A 241 -17.61 -18.96 32.74
C ILE A 241 -17.82 -17.81 33.71
N VAL A 242 -16.73 -17.09 33.99
CA VAL A 242 -16.74 -15.97 34.92
C VAL A 242 -16.19 -14.77 34.19
N VAL A 243 -16.91 -13.65 34.29
CA VAL A 243 -16.49 -12.43 33.61
C VAL A 243 -16.53 -11.25 34.55
N ILE A 244 -15.46 -10.48 34.59
CA ILE A 244 -15.42 -9.27 35.41
C ILE A 244 -15.33 -8.09 34.43
N SER A 245 -16.30 -7.17 34.50
CA SER A 245 -16.24 -5.99 33.62
C SER A 245 -16.10 -4.75 34.49
N PHE A 246 -15.73 -3.64 33.86
CA PHE A 246 -15.56 -2.37 34.56
C PHE A 246 -16.21 -1.29 33.72
N HIS A 247 -17.36 -1.65 33.15
CA HIS A 247 -18.10 -0.76 32.26
C HIS A 247 -19.56 -1.25 32.21
N SER A 248 -20.51 -0.35 32.46
CA SER A 248 -21.94 -0.71 32.46
C SER A 248 -22.41 -1.40 31.19
N LEU A 249 -22.00 -0.89 30.05
CA LEU A 249 -22.41 -1.49 28.78
C LEU A 249 -21.88 -2.93 28.61
N GLU A 250 -20.64 -3.16 29.02
CA GLU A 250 -20.09 -4.52 28.91
C GLU A 250 -20.84 -5.45 29.84
N ASP A 251 -21.10 -4.97 31.05
CA ASP A 251 -21.84 -5.77 32.03
C ASP A 251 -23.22 -6.13 31.49
N ARG A 252 -23.88 -5.18 30.84
CA ARG A 252 -25.21 -5.42 30.28
C ARG A 252 -25.14 -6.51 29.23
N ILE A 253 -24.10 -6.45 28.41
CA ILE A 253 -23.91 -7.43 27.35
C ILE A 253 -23.69 -8.81 27.96
N VAL A 254 -22.87 -8.90 29.01
CA VAL A 254 -22.62 -10.19 29.64
C VAL A 254 -23.93 -10.74 30.24
N LYS A 255 -24.60 -9.92 31.04
CA LYS A 255 -25.87 -10.30 31.67
C LYS A 255 -26.86 -10.86 30.64
N GLU A 256 -27.07 -10.12 29.56
CA GLU A 256 -28.00 -10.53 28.52
C GLU A 256 -27.59 -11.82 27.81
N THR A 257 -26.30 -11.97 27.58
CA THR A 257 -25.81 -13.17 26.93
C THR A 257 -26.08 -14.37 27.83
N PHE A 258 -25.73 -14.27 29.10
CA PHE A 258 -25.95 -15.38 30.02
C PHE A 258 -27.43 -15.73 30.15
N ARG A 259 -28.27 -14.72 30.33
CA ARG A 259 -29.71 -14.91 30.46
C ARG A 259 -30.36 -15.52 29.22
N ASN A 260 -30.11 -14.91 28.06
CA ASN A 260 -30.71 -15.39 26.81
C ASN A 260 -30.18 -16.73 26.32
N SER A 261 -28.97 -17.08 26.73
CA SER A 261 -28.40 -18.35 26.27
C SER A 261 -29.21 -19.56 26.72
N LYS A 262 -29.43 -20.49 25.81
CA LYS A 262 -30.16 -21.70 26.14
C LYS A 262 -29.21 -22.77 26.70
N LYS A 263 -27.90 -22.53 26.58
CA LYS A 263 -26.90 -23.48 27.06
C LYS A 263 -26.24 -23.09 28.38
N LEU A 264 -26.54 -21.90 28.87
CA LEU A 264 -25.97 -21.42 30.12
C LEU A 264 -27.02 -21.09 31.17
N ARG A 265 -26.70 -21.41 32.43
CA ARG A 265 -27.56 -21.10 33.55
C ARG A 265 -26.83 -19.98 34.28
N ILE A 266 -27.43 -18.79 34.33
CA ILE A 266 -26.78 -17.68 35.01
C ILE A 266 -26.72 -17.98 36.51
N LEU A 267 -25.58 -17.71 37.14
CA LEU A 267 -25.39 -17.97 38.56
C LEU A 267 -25.42 -16.69 39.38
N THR A 268 -25.37 -15.56 38.68
CA THR A 268 -25.36 -14.25 39.32
C THR A 268 -26.39 -13.32 38.71
N GLU A 269 -27.64 -13.42 39.15
CA GLU A 269 -28.69 -12.55 38.61
C GLU A 269 -28.30 -11.09 38.80
N LYS A 270 -27.67 -10.81 39.95
CA LYS A 270 -27.19 -9.48 40.24
C LYS A 270 -25.66 -9.56 40.20
N PRO A 271 -25.00 -8.48 39.76
CA PRO A 271 -23.54 -8.48 39.68
C PRO A 271 -22.88 -8.54 41.04
N VAL A 272 -21.77 -9.28 41.13
CA VAL A 272 -21.03 -9.38 42.38
C VAL A 272 -20.04 -8.21 42.35
N ARG A 273 -20.04 -7.39 43.39
CA ARG A 273 -19.15 -6.25 43.42
C ARG A 273 -18.09 -6.33 44.51
N PRO A 274 -16.98 -5.61 44.35
CA PRO A 274 -15.86 -5.59 45.30
C PRO A 274 -16.23 -5.12 46.70
N SER A 275 -15.60 -5.74 47.70
CA SER A 275 -15.83 -5.35 49.08
C SER A 275 -15.32 -3.93 49.23
N GLU A 276 -15.78 -3.25 50.28
CA GLU A 276 -15.37 -1.88 50.52
C GLU A 276 -13.86 -1.73 50.59
N GLU A 277 -13.21 -2.67 51.26
CA GLU A 277 -11.76 -2.64 51.44
C GLU A 277 -11.01 -2.73 50.14
N GLU A 278 -11.40 -3.69 49.30
CA GLU A 278 -10.73 -3.91 48.04
C GLU A 278 -10.60 -2.66 47.19
N ILE A 279 -11.70 -1.92 47.01
CA ILE A 279 -11.66 -0.73 46.19
C ILE A 279 -10.58 0.28 46.58
N ARG A 280 -10.43 0.54 47.88
CA ARG A 280 -9.42 1.50 48.33
C ARG A 280 -8.02 0.90 48.19
N GLU A 281 -7.92 -0.40 48.47
CA GLU A 281 -6.65 -1.10 48.40
C GLU A 281 -6.20 -1.31 46.95
N ASN A 282 -7.16 -1.53 46.07
CA ASN A 282 -6.87 -1.79 44.66
C ASN A 282 -7.77 -0.99 43.71
N PRO A 283 -7.36 0.24 43.37
CA PRO A 283 -8.13 1.11 42.47
C PRO A 283 -8.54 0.44 41.16
N ARG A 284 -7.78 -0.56 40.72
CA ARG A 284 -8.10 -1.25 39.47
C ARG A 284 -9.41 -2.03 39.58
N ALA A 285 -9.91 -2.16 40.82
CA ALA A 285 -11.14 -2.89 41.08
C ALA A 285 -12.37 -1.99 41.00
N ARG A 286 -12.13 -0.69 40.85
CA ARG A 286 -13.21 0.27 40.77
C ARG A 286 -14.15 -0.03 39.61
N SER A 287 -15.45 -0.07 39.92
CA SER A 287 -16.50 -0.32 38.94
C SER A 287 -16.59 -1.78 38.53
N GLY A 288 -15.85 -2.65 39.21
CA GLY A 288 -15.89 -4.06 38.84
C GLY A 288 -17.22 -4.74 39.11
N ARG A 289 -17.68 -5.52 38.14
CA ARG A 289 -18.92 -6.28 38.25
C ARG A 289 -18.60 -7.67 37.73
N LEU A 290 -18.79 -8.68 38.58
CA LEU A 290 -18.54 -10.06 38.18
C LEU A 290 -19.84 -10.81 37.96
N ARG A 291 -19.89 -11.53 36.85
CA ARG A 291 -21.05 -12.36 36.47
C ARG A 291 -20.51 -13.75 36.22
N ALA A 292 -21.34 -14.77 36.42
CA ALA A 292 -20.91 -16.14 36.20
C ALA A 292 -22.07 -16.96 35.69
N ALA A 293 -21.75 -18.00 34.92
CA ALA A 293 -22.77 -18.88 34.38
C ALA A 293 -22.20 -20.28 34.26
N GLU A 294 -23.08 -21.27 34.22
CA GLU A 294 -22.66 -22.66 34.10
C GLU A 294 -23.24 -23.31 32.84
N ARG A 295 -22.45 -24.16 32.19
CA ARG A 295 -22.90 -24.85 30.99
C ARG A 295 -23.87 -25.95 31.42
N ILE A 296 -25.06 -25.98 30.82
CA ILE A 296 -26.07 -26.98 31.14
C ILE A 296 -26.56 -27.71 29.89
N HIS B 10 3.89 16.90 -24.39
CA HIS B 10 4.98 15.93 -24.62
C HIS B 10 6.08 16.08 -23.57
N ILE B 11 6.42 14.99 -22.91
CA ILE B 11 7.43 15.01 -21.85
C ILE B 11 8.60 14.05 -22.04
N PRO B 12 9.83 14.57 -21.96
CA PRO B 12 11.05 13.76 -22.11
C PRO B 12 11.05 12.59 -21.13
N VAL B 13 11.31 11.39 -21.65
CA VAL B 13 11.34 10.20 -20.82
C VAL B 13 12.65 10.14 -20.05
N VAL B 15 14.48 12.12 -18.27
CA VAL B 15 15.50 13.13 -18.54
C VAL B 15 16.39 13.22 -17.31
N ARG B 16 15.86 12.76 -16.18
CA ARG B 16 16.61 12.77 -14.93
C ARG B 16 17.68 11.70 -14.96
N GLU B 17 17.59 10.80 -15.94
CA GLU B 17 18.55 9.72 -16.10
C GLU B 17 19.38 9.95 -17.35
N VAL B 18 18.90 10.84 -18.22
CA VAL B 18 19.60 11.16 -19.45
C VAL B 18 20.91 11.88 -19.13
N ILE B 19 21.01 12.33 -17.88
CA ILE B 19 22.21 13.02 -17.42
C ILE B 19 23.17 12.00 -16.84
N GLU B 20 22.61 11.08 -16.04
CA GLU B 20 23.37 10.02 -15.40
C GLU B 20 24.21 9.22 -16.40
N PHE B 21 23.96 9.46 -17.69
CA PHE B 21 24.68 8.75 -18.74
C PHE B 21 25.26 9.62 -19.84
N LEU B 22 24.55 10.69 -20.20
CA LEU B 22 25.04 11.58 -21.26
C LEU B 22 26.10 12.58 -20.77
N LYS B 23 25.90 13.12 -19.57
CA LYS B 23 26.83 14.09 -18.98
C LYS B 23 27.08 15.27 -19.93
N PRO B 24 26.05 16.09 -20.19
CA PRO B 24 26.18 17.26 -21.07
C PRO B 24 27.49 17.99 -20.80
N GLU B 25 27.72 18.30 -19.54
CA GLU B 25 28.92 18.96 -19.06
C GLU B 25 29.46 20.15 -19.87
N ASP B 26 30.73 20.46 -19.63
CA ASP B 26 31.42 21.58 -20.26
C ASP B 26 31.95 21.38 -21.68
N GLU B 27 31.52 22.28 -22.57
CA GLU B 27 31.94 22.27 -23.97
C GLU B 27 31.93 20.90 -24.64
N LYS B 28 30.76 20.48 -25.10
CA LYS B 28 30.59 19.19 -25.79
C LYS B 28 29.57 19.36 -26.91
N ILE B 29 29.54 18.42 -27.85
CA ILE B 29 28.58 18.50 -28.96
C ILE B 29 27.53 17.40 -28.80
N ILE B 30 26.26 17.79 -28.85
CA ILE B 30 25.16 16.84 -28.69
C ILE B 30 24.34 16.65 -29.97
N LEU B 31 24.08 15.39 -30.31
CA LEU B 31 23.28 15.07 -31.49
C LEU B 31 21.92 14.52 -31.08
N ASP B 32 20.86 15.25 -31.40
CA ASP B 32 19.52 14.82 -31.07
C ASP B 32 18.94 14.17 -32.34
N CYS B 33 19.19 12.88 -32.48
CA CYS B 33 18.73 12.12 -33.64
C CYS B 33 17.20 12.17 -33.78
N THR B 34 16.52 12.24 -32.65
CA THR B 34 15.06 12.29 -32.63
C THR B 34 14.60 13.49 -31.81
N VAL B 35 14.72 14.68 -32.40
CA VAL B 35 14.33 15.92 -31.75
C VAL B 35 12.87 15.98 -31.35
N GLY B 36 11.98 15.65 -32.30
CA GLY B 36 10.56 15.68 -32.02
C GLY B 36 10.10 17.06 -31.59
N GLU B 37 9.60 17.15 -30.36
CA GLU B 37 9.13 18.43 -29.83
C GLU B 37 10.30 19.25 -29.27
N GLY B 38 11.33 18.56 -28.80
CA GLY B 38 12.49 19.26 -28.27
C GLY B 38 12.65 19.15 -26.76
N GLY B 39 11.82 18.33 -26.13
CA GLY B 39 11.90 18.15 -24.69
C GLY B 39 13.30 17.85 -24.18
N HIS B 40 14.06 17.07 -24.93
CA HIS B 40 15.41 16.71 -24.53
C HIS B 40 16.39 17.86 -24.74
N SER B 41 16.22 18.59 -25.84
CA SER B 41 17.09 19.72 -26.15
C SER B 41 16.86 20.88 -25.18
N ARG B 42 15.62 21.02 -24.73
CA ARG B 42 15.23 22.08 -23.82
C ARG B 42 15.83 21.82 -22.43
N ALA B 43 16.30 20.60 -22.22
CA ALA B 43 16.89 20.23 -20.94
C ALA B 43 18.41 20.20 -21.03
N ILE B 44 18.94 19.74 -22.16
CA ILE B 44 20.39 19.66 -22.36
C ILE B 44 21.01 21.05 -22.45
N LEU B 45 20.32 21.98 -23.10
CA LEU B 45 20.82 23.34 -23.24
C LEU B 45 20.67 24.05 -21.90
N GLU B 46 19.56 23.77 -21.21
CA GLU B 46 19.30 24.36 -19.91
C GLU B 46 20.01 23.57 -18.81
N HIS B 47 21.27 23.24 -19.07
CA HIS B 47 22.09 22.50 -18.12
C HIS B 47 23.55 22.69 -18.49
N CYS B 48 23.79 23.13 -19.73
CA CYS B 48 25.14 23.39 -20.20
C CYS B 48 25.11 24.68 -20.99
N PRO B 49 26.03 25.61 -20.71
CA PRO B 49 26.03 26.87 -21.46
C PRO B 49 26.84 26.72 -22.74
N GLY B 50 27.74 25.75 -22.78
CA GLY B 50 28.59 25.54 -23.94
C GLY B 50 28.23 24.41 -24.89
N CYS B 51 28.00 23.21 -24.36
CA CYS B 51 27.68 22.06 -25.21
C CYS B 51 26.57 22.43 -26.21
N ARG B 52 26.89 22.33 -27.50
CA ARG B 52 25.93 22.66 -28.56
C ARG B 52 25.00 21.47 -28.82
N ILE B 53 23.92 21.71 -29.58
CA ILE B 53 22.96 20.66 -29.90
C ILE B 53 22.48 20.67 -31.34
N ILE B 54 22.82 19.61 -32.07
CA ILE B 54 22.42 19.45 -33.45
C ILE B 54 21.20 18.53 -33.44
N GLY B 55 20.06 19.05 -33.88
CA GLY B 55 18.85 18.24 -33.88
C GLY B 55 18.20 18.00 -35.23
N ILE B 56 17.77 16.76 -35.46
CA ILE B 56 17.12 16.39 -36.70
C ILE B 56 15.88 15.53 -36.48
N ASP B 57 15.01 15.49 -37.48
CA ASP B 57 13.79 14.70 -37.44
C ASP B 57 13.23 14.65 -38.86
N VAL B 58 12.46 13.62 -39.17
CA VAL B 58 11.89 13.49 -40.50
C VAL B 58 10.54 14.17 -40.58
N ASP B 59 9.97 14.48 -39.42
CA ASP B 59 8.66 15.12 -39.34
C ASP B 59 8.80 16.64 -39.26
N SER B 60 8.33 17.33 -40.29
CA SER B 60 8.41 18.78 -40.34
C SER B 60 7.47 19.45 -39.33
N GLU B 61 6.30 18.85 -39.11
CA GLU B 61 5.33 19.42 -38.17
C GLU B 61 5.81 19.46 -36.72
N VAL B 62 6.59 18.47 -36.30
CA VAL B 62 7.08 18.44 -34.93
C VAL B 62 8.32 19.34 -34.79
N LEU B 63 9.00 19.59 -35.91
CA LEU B 63 10.18 20.44 -35.89
C LEU B 63 9.75 21.86 -35.52
N ARG B 64 8.67 22.32 -36.17
CA ARG B 64 8.14 23.65 -35.90
C ARG B 64 7.86 23.81 -34.42
N ILE B 65 7.38 22.75 -33.78
CA ILE B 65 7.09 22.78 -32.35
C ILE B 65 8.40 22.81 -31.57
N ALA B 66 9.43 22.16 -32.12
CA ALA B 66 10.74 22.11 -31.49
C ALA B 66 11.45 23.44 -31.72
N GLU B 67 11.05 24.11 -32.79
CA GLU B 67 11.61 25.40 -33.19
C GLU B 67 11.04 26.53 -32.34
N GLU B 68 9.87 26.29 -31.76
CA GLU B 68 9.20 27.30 -30.94
C GLU B 68 9.55 27.16 -29.47
N LYS B 69 10.24 26.07 -29.11
CA LYS B 69 10.62 25.85 -27.72
C LYS B 69 12.14 25.77 -27.57
N LEU B 70 12.84 26.10 -28.65
CA LEU B 70 14.30 26.10 -28.68
C LEU B 70 14.77 27.40 -29.32
N LYS B 71 13.85 28.35 -29.46
CA LYS B 71 14.15 29.64 -30.05
C LYS B 71 14.86 30.56 -29.07
N GLU B 72 14.72 30.27 -27.77
CA GLU B 72 15.35 31.08 -26.74
C GLU B 72 16.83 30.75 -26.56
N PHE B 73 17.23 29.55 -26.96
CA PHE B 73 18.63 29.12 -26.86
C PHE B 73 19.16 28.81 -28.25
N SER B 74 18.70 29.60 -29.21
CA SER B 74 19.03 29.47 -30.63
C SER B 74 20.46 29.17 -31.05
N ASP B 75 21.34 30.16 -30.95
CA ASP B 75 22.73 30.02 -31.37
C ASP B 75 23.53 28.85 -30.80
N ARG B 76 22.87 27.94 -30.08
CA ARG B 76 23.55 26.79 -29.50
C ARG B 76 22.83 25.51 -29.90
N VAL B 77 21.93 25.63 -30.88
CA VAL B 77 21.15 24.49 -31.36
C VAL B 77 20.60 24.76 -32.76
N SER B 78 20.90 23.85 -33.69
CA SER B 78 20.44 23.97 -35.06
C SER B 78 19.64 22.74 -35.46
N LEU B 79 18.42 22.95 -35.93
CA LEU B 79 17.53 21.86 -36.30
C LEU B 79 17.45 21.62 -37.82
N PHE B 80 17.39 20.35 -38.20
CA PHE B 80 17.31 19.96 -39.62
C PHE B 80 16.31 18.83 -39.85
N LYS B 81 15.77 18.76 -41.06
CA LYS B 81 14.82 17.71 -41.42
C LYS B 81 15.53 16.62 -42.22
N VAL B 82 16.04 15.62 -41.50
CA VAL B 82 16.75 14.51 -42.13
C VAL B 82 16.77 13.29 -41.20
N SER B 83 16.88 12.10 -41.78
CA SER B 83 16.91 10.87 -41.00
C SER B 83 18.26 10.79 -40.29
N TYR B 84 18.28 10.21 -39.10
CA TYR B 84 19.53 10.06 -38.37
C TYR B 84 20.40 9.05 -39.11
N ARG B 85 19.91 8.62 -40.27
CA ARG B 85 20.62 7.66 -41.11
C ARG B 85 21.62 8.43 -41.98
N GLU B 86 21.18 9.58 -42.48
CA GLU B 86 22.01 10.43 -43.33
C GLU B 86 22.74 11.40 -42.42
N ALA B 87 22.58 11.20 -41.12
CA ALA B 87 23.21 12.06 -40.12
C ALA B 87 24.67 12.36 -40.44
N ASP B 88 25.49 11.31 -40.54
CA ASP B 88 26.90 11.47 -40.84
C ASP B 88 27.13 12.43 -41.99
N PHE B 89 26.41 12.24 -43.09
CA PHE B 89 26.54 13.11 -44.25
C PHE B 89 26.23 14.55 -43.88
N LEU B 90 25.32 14.72 -42.91
CA LEU B 90 24.93 16.05 -42.45
C LEU B 90 25.99 16.61 -41.51
N LEU B 91 26.46 15.77 -40.59
CA LEU B 91 27.47 16.18 -39.63
C LEU B 91 28.70 16.65 -40.40
N LYS B 92 28.98 15.98 -41.51
CA LYS B 92 30.11 16.34 -42.35
C LYS B 92 29.82 17.65 -43.08
N THR B 93 28.73 17.68 -43.84
CA THR B 93 28.34 18.88 -44.59
C THR B 93 28.18 20.08 -43.67
N LEU B 94 27.70 19.84 -42.45
CA LEU B 94 27.52 20.91 -41.49
C LEU B 94 28.89 21.54 -41.25
N GLY B 95 29.93 20.74 -41.50
CA GLY B 95 31.28 21.19 -41.32
C GLY B 95 31.91 20.33 -40.23
N ILE B 96 31.10 20.00 -39.22
CA ILE B 96 31.55 19.17 -38.12
C ILE B 96 32.12 17.88 -38.69
N GLU B 97 32.90 17.16 -37.89
CA GLU B 97 33.50 15.91 -38.33
C GLU B 97 33.25 14.82 -37.32
N LYS B 98 32.86 15.21 -36.11
CA LYS B 98 32.59 14.26 -35.04
C LYS B 98 31.94 14.99 -33.86
N VAL B 99 31.13 14.26 -33.09
CA VAL B 99 30.43 14.83 -31.94
C VAL B 99 30.81 14.15 -30.63
N ASP B 100 30.28 14.67 -29.52
CA ASP B 100 30.58 14.13 -28.20
C ASP B 100 29.40 13.46 -27.51
N GLY B 101 28.25 13.43 -28.16
CA GLY B 101 27.09 12.80 -27.55
C GLY B 101 25.95 12.58 -28.52
N ILE B 102 25.40 11.38 -28.51
CA ILE B 102 24.29 11.02 -29.39
C ILE B 102 23.06 10.58 -28.60
N LEU B 103 21.92 11.22 -28.87
CA LEU B 103 20.68 10.89 -28.18
C LEU B 103 19.58 10.40 -29.14
N ASP B 105 15.48 8.99 -29.13
CA ASP B 105 14.21 8.72 -28.46
C ASP B 105 13.37 7.93 -29.47
N LEU B 106 13.46 6.61 -29.39
CA LEU B 106 12.74 5.73 -30.30
C LEU B 106 11.27 5.59 -29.90
N GLY B 107 10.40 6.30 -30.61
CA GLY B 107 8.99 6.23 -30.31
C GLY B 107 8.17 7.21 -31.13
N VAL B 108 6.93 7.44 -30.69
CA VAL B 108 6.04 8.37 -31.37
C VAL B 108 5.79 9.54 -30.43
N SER B 109 5.91 10.75 -30.94
CA SER B 109 5.70 11.93 -30.11
C SER B 109 4.21 12.05 -29.82
N THR B 110 3.89 12.64 -28.67
CA THR B 110 2.50 12.81 -28.27
C THR B 110 1.72 13.61 -29.31
N TYR B 111 2.37 14.61 -29.90
CA TYR B 111 1.72 15.44 -30.90
C TYR B 111 1.38 14.64 -32.16
N GLN B 112 2.27 13.72 -32.53
CA GLN B 112 2.03 12.89 -33.71
C GLN B 112 0.82 12.00 -33.44
N LEU B 113 0.74 11.50 -32.21
CA LEU B 113 -0.36 10.63 -31.80
C LEU B 113 -1.71 11.35 -31.72
N LYS B 114 -1.73 12.53 -31.12
CA LYS B 114 -2.99 13.25 -30.93
C LYS B 114 -3.30 14.48 -31.77
N GLY B 115 -2.31 15.05 -32.46
CA GLY B 115 -2.58 16.24 -33.24
C GLY B 115 -2.39 16.23 -34.75
N GLU B 116 -1.72 15.20 -35.30
CA GLU B 116 -1.48 15.19 -36.73
C GLU B 116 -2.54 14.54 -37.59
N ASN B 117 -3.48 13.84 -36.96
CA ASN B 117 -4.55 13.18 -37.70
C ASN B 117 -3.95 12.20 -38.71
N ARG B 118 -2.89 11.50 -38.29
CA ARG B 118 -2.24 10.54 -39.17
C ARG B 118 -2.58 9.06 -38.90
N GLY B 119 -3.47 8.82 -37.94
CA GLY B 119 -3.86 7.46 -37.65
C GLY B 119 -2.85 6.60 -36.90
N PHE B 120 -1.97 7.23 -36.13
CA PHE B 120 -1.00 6.49 -35.34
C PHE B 120 -1.73 5.74 -34.23
N THR B 121 -2.83 6.33 -33.75
CA THR B 121 -3.61 5.74 -32.68
C THR B 121 -5.02 5.41 -33.13
N PHE B 122 -5.73 4.66 -32.29
CA PHE B 122 -7.09 4.22 -32.61
C PHE B 122 -8.12 4.87 -31.67
N GLU B 123 -7.73 5.87 -30.90
CA GLU B 123 -8.65 6.53 -29.99
C GLU B 123 -9.83 7.10 -30.77
N ARG B 124 -9.58 7.47 -32.03
CA ARG B 124 -10.63 8.00 -32.87
C ARG B 124 -10.44 7.71 -34.35
N GLU B 125 -11.48 7.95 -35.13
CA GLU B 125 -11.46 7.70 -36.56
C GLU B 125 -10.54 8.68 -37.29
N GLU B 126 -9.51 8.14 -37.93
CA GLU B 126 -8.54 8.93 -38.68
C GLU B 126 -8.06 8.13 -39.89
N PRO B 127 -7.49 8.79 -40.90
CA PRO B 127 -7.02 8.03 -42.05
C PRO B 127 -5.83 7.14 -41.69
N LEU B 128 -5.65 6.05 -42.41
CA LEU B 128 -4.52 5.16 -42.16
C LEU B 128 -3.30 5.70 -42.90
N ASP B 129 -2.59 6.60 -42.24
CA ASP B 129 -1.41 7.23 -42.83
C ASP B 129 -0.17 6.69 -42.15
N ARG B 131 2.59 7.95 -41.57
CA ARG B 131 3.89 8.40 -42.04
C ARG B 131 4.43 9.47 -41.10
N ASP B 133 7.16 10.86 -41.97
CA ASP B 133 7.74 11.70 -43.03
C ASP B 133 6.70 11.88 -44.12
N LEU B 134 6.09 13.06 -44.17
CA LEU B 134 5.06 13.34 -45.18
C LEU B 134 5.61 13.26 -46.60
N GLU B 135 6.93 13.21 -46.74
CA GLU B 135 7.53 13.13 -48.07
C GLU B 135 7.47 11.71 -48.61
N SER B 136 7.40 10.73 -47.72
CA SER B 136 7.33 9.33 -48.13
C SER B 136 6.00 9.04 -48.78
N GLU B 137 5.98 8.09 -49.71
CA GLU B 137 4.75 7.72 -50.40
C GLU B 137 4.12 6.47 -49.77
N VAL B 138 4.87 5.76 -48.95
CA VAL B 138 4.35 4.54 -48.32
C VAL B 138 3.49 4.87 -47.09
N THR B 139 2.20 4.56 -47.17
CA THR B 139 1.27 4.81 -46.07
C THR B 139 0.77 3.48 -45.47
N ALA B 140 0.18 3.53 -44.28
CA ALA B 140 -0.35 2.33 -43.66
C ALA B 140 -1.44 1.77 -44.57
N GLN B 141 -2.25 2.64 -45.15
CA GLN B 141 -3.33 2.21 -46.03
C GLN B 141 -2.84 1.37 -47.20
N LYS B 142 -1.77 1.81 -47.84
CA LYS B 142 -1.24 1.08 -48.99
C LYS B 142 -0.72 -0.29 -48.56
N VAL B 143 0.02 -0.32 -47.46
CA VAL B 143 0.56 -1.58 -46.95
C VAL B 143 -0.58 -2.54 -46.59
N LEU B 144 -1.57 -2.04 -45.86
CA LEU B 144 -2.70 -2.88 -45.44
C LEU B 144 -3.57 -3.36 -46.60
N ASN B 145 -3.64 -2.58 -47.66
CA ASN B 145 -4.47 -2.96 -48.79
C ASN B 145 -3.75 -3.70 -49.90
N GLU B 146 -2.43 -3.61 -49.93
CA GLU B 146 -1.64 -4.24 -51.00
C GLU B 146 -0.74 -5.42 -50.63
N LEU B 147 -0.29 -5.48 -49.38
CA LEU B 147 0.62 -6.55 -48.98
C LEU B 147 -0.10 -7.89 -48.79
N PRO B 148 0.44 -8.97 -49.37
CA PRO B 148 -0.19 -10.29 -49.24
C PRO B 148 -0.24 -10.73 -47.78
N GLU B 149 -1.20 -11.59 -47.47
CA GLU B 149 -1.38 -12.08 -46.12
C GLU B 149 -0.14 -12.62 -45.42
N GLU B 150 0.64 -13.45 -46.11
CA GLU B 150 1.84 -14.02 -45.50
C GLU B 150 2.85 -12.97 -45.06
N GLU B 151 3.12 -11.99 -45.93
CA GLU B 151 4.06 -10.93 -45.63
C GLU B 151 3.50 -10.02 -44.54
N LEU B 152 2.19 -9.79 -44.56
CA LEU B 152 1.56 -8.97 -43.54
C LEU B 152 1.69 -9.67 -42.18
N ALA B 153 1.41 -10.97 -42.17
CA ALA B 153 1.52 -11.72 -40.92
C ALA B 153 2.93 -11.67 -40.33
N ARG B 154 3.95 -11.72 -41.18
CA ARG B 154 5.33 -11.68 -40.69
C ARG B 154 5.63 -10.33 -40.03
N ILE B 155 5.12 -9.26 -40.61
CA ILE B 155 5.32 -7.93 -40.02
C ILE B 155 4.65 -7.87 -38.64
N ILE B 156 3.42 -8.36 -38.55
CA ILE B 156 2.67 -8.34 -37.29
C ILE B 156 3.35 -9.24 -36.25
N PHE B 157 3.88 -10.38 -36.69
CA PHE B 157 4.60 -11.31 -35.81
C PHE B 157 5.93 -10.71 -35.31
N GLU B 158 6.70 -10.14 -36.23
CA GLU B 158 8.01 -9.58 -35.90
C GLU B 158 8.02 -8.20 -35.23
N TYR B 159 7.24 -7.26 -35.77
CA TYR B 159 7.23 -5.90 -35.24
C TYR B 159 6.12 -5.65 -34.23
N GLY B 160 5.06 -6.43 -34.31
CA GLY B 160 3.99 -6.21 -33.35
C GLY B 160 4.16 -7.15 -32.19
N GLU B 161 4.84 -8.26 -32.46
CA GLU B 161 5.08 -9.32 -31.51
C GLU B 161 3.76 -9.98 -31.11
N GLU B 162 2.90 -10.16 -32.10
CA GLU B 162 1.65 -10.92 -31.91
C GLU B 162 2.15 -12.31 -32.26
N LYS B 163 2.72 -12.99 -31.28
CA LYS B 163 3.32 -14.28 -31.55
C LYS B 163 2.37 -15.46 -31.75
N ARG B 164 1.12 -15.28 -31.40
CA ARG B 164 0.15 -16.34 -31.52
C ARG B 164 -0.92 -16.10 -32.57
N PHE B 165 -1.32 -14.84 -32.74
CA PHE B 165 -2.40 -14.51 -33.64
C PHE B 165 -2.09 -13.72 -34.91
N ALA B 166 -0.81 -13.56 -35.21
CA ALA B 166 -0.43 -12.75 -36.39
C ALA B 166 -1.11 -13.19 -37.68
N ARG B 167 -1.17 -14.50 -37.93
CA ARG B 167 -1.79 -15.01 -39.15
C ARG B 167 -3.28 -14.72 -39.21
N ARG B 168 -4.00 -14.88 -38.09
CA ARG B 168 -5.43 -14.58 -38.08
C ARG B 168 -5.69 -13.09 -38.29
N ILE B 169 -4.84 -12.25 -37.71
CA ILE B 169 -5.02 -10.81 -37.88
C ILE B 169 -4.77 -10.44 -39.35
N ALA B 170 -3.68 -10.96 -39.92
CA ALA B 170 -3.37 -10.68 -41.32
C ALA B 170 -4.55 -11.11 -42.20
N ARG B 171 -5.09 -12.29 -41.94
CA ARG B 171 -6.21 -12.79 -42.73
C ARG B 171 -7.43 -11.89 -42.65
N LYS B 172 -7.76 -11.43 -41.45
CA LYS B 172 -8.92 -10.55 -41.29
C LYS B 172 -8.69 -9.21 -41.96
N ILE B 173 -7.44 -8.74 -41.95
CA ILE B 173 -7.14 -7.48 -42.62
C ILE B 173 -7.46 -7.68 -44.11
N VAL B 174 -6.95 -8.77 -44.68
CA VAL B 174 -7.22 -9.04 -46.10
C VAL B 174 -8.72 -9.17 -46.38
N GLU B 175 -9.44 -9.89 -45.51
CA GLU B 175 -10.88 -10.07 -45.72
C GLU B 175 -11.70 -8.78 -45.63
N ASN B 176 -11.18 -7.78 -44.93
CA ASN B 176 -11.88 -6.51 -44.77
C ASN B 176 -11.50 -5.41 -45.75
N ARG B 177 -10.65 -5.73 -46.72
CA ARG B 177 -10.23 -4.74 -47.69
C ARG B 177 -11.39 -4.20 -48.52
N PRO B 178 -11.33 -2.92 -48.89
CA PRO B 178 -10.24 -1.99 -48.57
C PRO B 178 -10.39 -1.35 -47.20
N LEU B 179 -9.27 -1.16 -46.51
CA LEU B 179 -9.29 -0.49 -45.21
C LEU B 179 -9.03 0.96 -45.52
N ASN B 180 -9.72 1.86 -44.81
CA ASN B 180 -9.55 3.29 -45.03
C ASN B 180 -9.24 4.06 -43.77
N THR B 181 -9.79 3.62 -42.64
CA THR B 181 -9.57 4.34 -41.39
C THR B 181 -9.03 3.47 -40.26
N THR B 182 -8.58 4.14 -39.21
CA THR B 182 -8.08 3.49 -38.00
C THR B 182 -9.12 2.51 -37.47
N LEU B 183 -10.39 2.88 -37.56
CA LEU B 183 -11.47 2.05 -37.06
C LEU B 183 -11.62 0.78 -37.89
N ASP B 184 -11.31 0.85 -39.18
CA ASP B 184 -11.38 -0.35 -40.01
C ASP B 184 -10.29 -1.34 -39.55
N LEU B 185 -9.13 -0.82 -39.19
CA LEU B 185 -8.04 -1.69 -38.73
C LEU B 185 -8.40 -2.26 -37.36
N VAL B 186 -8.93 -1.42 -36.46
CA VAL B 186 -9.33 -1.94 -35.15
C VAL B 186 -10.35 -3.08 -35.35
N LYS B 187 -11.31 -2.88 -36.26
CA LYS B 187 -12.33 -3.89 -36.53
C LYS B 187 -11.72 -5.21 -37.01
N ALA B 188 -10.74 -5.13 -37.87
CA ALA B 188 -10.07 -6.34 -38.37
C ALA B 188 -9.40 -7.11 -37.23
N VAL B 189 -8.67 -6.40 -36.40
CA VAL B 189 -7.98 -7.06 -35.29
C VAL B 189 -9.02 -7.67 -34.35
N ARG B 190 -10.09 -6.92 -34.06
CA ARG B 190 -11.15 -7.43 -33.18
C ARG B 190 -11.73 -8.73 -33.72
N GLU B 191 -12.00 -8.78 -35.03
CA GLU B 191 -12.56 -9.99 -35.62
C GLU B 191 -11.60 -11.15 -35.61
N ALA B 192 -10.30 -10.86 -35.61
CA ALA B 192 -9.31 -11.92 -35.63
C ALA B 192 -9.02 -12.56 -34.26
N LEU B 193 -9.12 -11.77 -33.20
CA LEU B 193 -8.80 -12.28 -31.87
C LEU B 193 -9.97 -12.95 -31.17
N PRO B 194 -9.70 -14.03 -30.43
CA PRO B 194 -10.74 -14.76 -29.71
C PRO B 194 -11.32 -13.80 -28.65
N SER B 195 -12.55 -14.07 -28.21
CA SER B 195 -13.21 -13.18 -27.27
C SER B 195 -12.50 -12.93 -25.94
N TYR B 196 -12.06 -13.97 -25.25
CA TYR B 196 -11.39 -13.75 -23.99
C TYR B 196 -10.04 -13.07 -24.18
N GLU B 197 -9.32 -13.46 -25.25
CA GLU B 197 -8.02 -12.89 -25.56
C GLU B 197 -8.12 -11.36 -25.60
N ILE B 198 -9.20 -10.85 -26.18
CA ILE B 198 -9.40 -9.40 -26.28
C ILE B 198 -9.52 -8.78 -24.88
N ARG B 199 -10.32 -9.40 -24.02
CA ARG B 199 -10.52 -8.86 -22.68
C ARG B 199 -9.37 -9.07 -21.70
N ARG B 200 -8.55 -10.09 -21.91
CA ARG B 200 -7.47 -10.30 -20.95
C ARG B 200 -6.31 -9.34 -21.09
N ARG B 201 -6.17 -8.72 -22.26
CA ARG B 201 -5.04 -7.82 -22.48
C ARG B 201 -5.05 -6.54 -21.63
N LYS B 202 -3.87 -6.20 -21.13
CA LYS B 202 -3.70 -5.00 -20.31
C LYS B 202 -3.80 -3.74 -21.18
N ARG B 203 -3.16 -3.77 -22.33
CA ARG B 203 -3.24 -2.64 -23.25
C ARG B 203 -4.31 -2.95 -24.28
N HIS B 204 -4.89 -1.91 -24.87
CA HIS B 204 -5.92 -2.07 -25.88
C HIS B 204 -5.44 -3.14 -26.88
N PHE B 205 -6.30 -4.11 -27.20
CA PHE B 205 -5.94 -5.23 -28.07
C PHE B 205 -5.38 -4.87 -29.45
N ALA B 206 -5.67 -3.69 -29.95
CA ALA B 206 -5.18 -3.31 -31.28
C ALA B 206 -3.80 -2.66 -31.24
N THR B 207 -3.28 -2.41 -30.04
CA THR B 207 -1.98 -1.74 -29.90
C THR B 207 -0.82 -2.33 -30.72
N LYS B 208 -0.60 -3.62 -30.56
CA LYS B 208 0.51 -4.28 -31.26
C LYS B 208 0.40 -4.27 -32.78
N THR B 209 -0.79 -4.48 -33.30
CA THR B 209 -0.96 -4.44 -34.75
C THR B 209 -0.66 -3.02 -35.28
N PHE B 210 -1.17 -1.98 -34.59
CA PHE B 210 -0.90 -0.61 -35.02
C PHE B 210 0.59 -0.32 -35.00
N GLN B 211 1.26 -0.77 -33.95
CA GLN B 211 2.70 -0.60 -33.78
C GLN B 211 3.49 -1.29 -34.91
N ALA B 212 3.09 -2.52 -35.25
CA ALA B 212 3.77 -3.27 -36.31
C ALA B 212 3.73 -2.53 -37.64
N ILE B 213 2.56 -2.03 -38.02
CA ILE B 213 2.42 -1.31 -39.28
C ILE B 213 3.23 -0.01 -39.24
N ARG B 214 3.17 0.70 -38.11
CA ARG B 214 3.92 1.95 -37.95
C ARG B 214 5.42 1.76 -38.20
N ILE B 215 5.96 0.78 -37.50
CA ILE B 215 7.38 0.46 -37.58
C ILE B 215 7.78 0.09 -39.02
N TYR B 216 6.94 -0.71 -39.67
CA TYR B 216 7.21 -1.10 -41.04
C TYR B 216 7.13 0.09 -42.01
N VAL B 217 6.06 0.86 -41.90
CA VAL B 217 5.86 2.01 -42.78
C VAL B 217 7.00 3.02 -42.68
N ASN B 218 7.55 3.18 -41.48
CA ASN B 218 8.61 4.14 -41.23
C ASN B 218 10.00 3.53 -41.16
N ARG B 219 10.08 2.25 -41.53
CA ARG B 219 11.34 1.51 -41.54
C ARG B 219 12.17 1.80 -40.29
N GLU B 220 11.49 1.87 -39.14
CA GLU B 220 12.14 2.18 -37.86
C GLU B 220 13.20 1.18 -37.41
N LEU B 221 12.95 -0.09 -37.70
CA LEU B 221 13.86 -1.17 -37.33
C LEU B 221 15.11 -1.15 -38.21
N GLU B 222 14.91 -0.98 -39.50
CA GLU B 222 16.04 -0.94 -40.45
C GLU B 222 16.92 0.27 -40.19
N ASN B 223 16.29 1.40 -39.88
CA ASN B 223 17.02 2.63 -39.60
C ASN B 223 17.85 2.48 -38.34
N LEU B 224 17.23 1.98 -37.27
CA LEU B 224 17.92 1.78 -36.02
C LEU B 224 19.18 0.93 -36.20
N LYS B 225 19.01 -0.25 -36.77
CA LYS B 225 20.13 -1.14 -37.00
C LYS B 225 21.22 -0.51 -37.86
N GLU B 226 20.83 0.06 -38.99
CA GLU B 226 21.78 0.68 -39.89
C GLU B 226 22.56 1.83 -39.27
N PHE B 227 21.91 2.60 -38.40
CA PHE B 227 22.55 3.73 -37.75
C PHE B 227 23.59 3.29 -36.73
N LEU B 228 23.19 2.40 -35.82
CA LEU B 228 24.08 1.89 -34.78
C LEU B 228 25.35 1.27 -35.36
N LYS B 229 25.25 0.74 -36.58
CA LYS B 229 26.39 0.11 -37.23
C LYS B 229 27.57 1.05 -37.41
N LYS B 230 27.29 2.29 -37.83
CA LYS B 230 28.35 3.27 -38.06
C LYS B 230 28.21 4.50 -37.18
N ALA B 231 27.44 4.38 -36.10
CA ALA B 231 27.24 5.51 -35.20
C ALA B 231 28.50 5.83 -34.40
N GLU B 232 29.17 4.80 -33.91
CA GLU B 232 30.39 4.98 -33.13
C GLU B 232 31.44 5.83 -33.85
N ASP B 233 31.40 5.84 -35.18
CA ASP B 233 32.35 6.61 -35.97
C ASP B 233 31.96 8.08 -36.02
N LEU B 234 31.22 8.53 -35.02
CA LEU B 234 30.78 9.92 -34.96
C LEU B 234 30.98 10.50 -33.56
N LEU B 235 31.50 9.67 -32.66
CA LEU B 235 31.73 10.11 -31.28
C LEU B 235 33.21 10.31 -30.98
N ASN B 236 33.52 11.42 -30.30
CA ASN B 236 34.89 11.71 -29.94
C ASN B 236 35.28 10.83 -28.76
N PRO B 237 36.59 10.62 -28.55
CA PRO B 237 37.06 9.79 -27.44
C PRO B 237 36.41 10.20 -26.12
N GLY B 238 35.55 9.33 -25.59
CA GLY B 238 34.88 9.65 -24.35
C GLY B 238 33.42 10.01 -24.54
N GLY B 239 33.00 10.17 -25.78
CA GLY B 239 31.63 10.53 -26.07
C GLY B 239 30.63 9.47 -25.63
N ARG B 240 29.41 9.88 -25.31
CA ARG B 240 28.39 8.94 -24.88
C ARG B 240 27.13 8.99 -25.73
N ILE B 241 26.62 7.82 -26.10
CA ILE B 241 25.41 7.73 -26.89
C ILE B 241 24.32 7.07 -26.04
N VAL B 242 23.16 7.72 -25.95
CA VAL B 242 22.07 7.18 -25.15
C VAL B 242 20.84 6.90 -26.01
N VAL B 243 20.31 5.68 -25.90
CA VAL B 243 19.14 5.28 -26.67
C VAL B 243 17.98 4.84 -25.77
N ILE B 244 16.79 5.38 -26.04
CA ILE B 244 15.60 5.04 -25.27
C ILE B 244 14.60 4.36 -26.19
N SER B 245 14.15 3.17 -25.80
CA SER B 245 13.19 2.43 -26.60
C SER B 245 11.95 2.03 -25.80
N PHE B 246 10.87 1.74 -26.51
CA PHE B 246 9.60 1.35 -25.90
C PHE B 246 9.11 0.08 -26.59
N HIS B 247 10.07 -0.69 -27.12
CA HIS B 247 9.78 -1.93 -27.83
C HIS B 247 10.88 -2.93 -27.46
N SER B 248 10.49 -4.12 -26.99
CA SER B 248 11.45 -5.13 -26.59
C SER B 248 12.47 -5.44 -27.69
N LEU B 249 11.98 -5.69 -28.90
CA LEU B 249 12.86 -5.99 -30.03
C LEU B 249 13.89 -4.88 -30.23
N GLU B 250 13.44 -3.63 -30.11
CA GLU B 250 14.32 -2.47 -30.26
C GLU B 250 15.37 -2.48 -29.16
N ASP B 251 14.93 -2.72 -27.93
CA ASP B 251 15.83 -2.74 -26.78
C ASP B 251 16.90 -3.81 -26.98
N ARG B 252 16.49 -5.01 -27.37
CA ARG B 252 17.43 -6.09 -27.60
C ARG B 252 18.47 -5.70 -28.65
N ILE B 253 18.04 -5.01 -29.70
CA ILE B 253 18.94 -4.59 -30.76
C ILE B 253 20.00 -3.65 -30.20
N VAL B 254 19.57 -2.67 -29.42
CA VAL B 254 20.48 -1.71 -28.80
C VAL B 254 21.36 -2.46 -27.81
N LYS B 255 20.70 -3.20 -26.91
CA LYS B 255 21.39 -3.97 -25.89
C LYS B 255 22.56 -4.75 -26.48
N GLU B 256 22.26 -5.61 -27.45
CA GLU B 256 23.29 -6.41 -28.09
C GLU B 256 24.24 -5.60 -28.97
N THR B 257 23.77 -4.49 -29.52
CA THR B 257 24.61 -3.65 -30.35
C THR B 257 25.84 -3.20 -29.56
N PHE B 258 25.60 -2.55 -28.43
CA PHE B 258 26.67 -2.07 -27.58
C PHE B 258 27.50 -3.22 -27.04
N ARG B 259 26.82 -4.26 -26.57
CA ARG B 259 27.48 -5.42 -26.01
C ARG B 259 28.49 -6.03 -26.99
N ASN B 260 28.11 -6.10 -28.26
CA ASN B 260 28.99 -6.66 -29.29
C ASN B 260 29.87 -5.61 -29.94
N SER B 261 29.77 -4.37 -29.48
CA SER B 261 30.58 -3.28 -30.03
C SER B 261 31.94 -3.25 -29.35
N LYS B 262 32.96 -2.87 -30.11
CA LYS B 262 34.31 -2.79 -29.59
C LYS B 262 34.71 -1.36 -29.26
N LYS B 263 34.19 -0.42 -30.05
CA LYS B 263 34.48 0.99 -29.84
C LYS B 263 33.41 1.67 -28.99
N LEU B 264 32.53 0.88 -28.40
CA LEU B 264 31.46 1.40 -27.58
C LEU B 264 31.34 0.64 -26.26
N ARG B 265 31.98 1.18 -25.22
CA ARG B 265 31.94 0.54 -23.91
C ARG B 265 30.52 0.69 -23.37
N ILE B 266 29.92 -0.43 -22.98
CA ILE B 266 28.56 -0.42 -22.44
C ILE B 266 28.54 0.40 -21.16
N LEU B 267 27.34 0.83 -20.77
CA LEU B 267 27.18 1.62 -19.56
C LEU B 267 26.00 1.07 -18.76
N THR B 268 25.53 -0.11 -19.16
CA THR B 268 24.40 -0.74 -18.49
C THR B 268 24.00 -2.09 -19.10
N GLU B 269 24.17 -3.16 -18.33
CA GLU B 269 23.81 -4.50 -18.77
C GLU B 269 22.35 -4.76 -18.45
N LYS B 270 21.72 -3.80 -17.76
CA LYS B 270 20.32 -3.93 -17.38
C LYS B 270 19.50 -2.71 -17.82
N PRO B 271 18.38 -2.94 -18.51
CA PRO B 271 17.51 -1.86 -18.99
C PRO B 271 17.16 -0.88 -17.86
N VAL B 272 17.35 0.40 -18.11
CA VAL B 272 17.04 1.42 -17.12
C VAL B 272 15.60 1.90 -17.23
N ARG B 273 14.79 1.54 -16.24
CA ARG B 273 13.39 1.94 -16.21
C ARG B 273 13.23 3.22 -15.38
N PRO B 274 11.98 3.66 -15.22
CA PRO B 274 11.70 4.87 -14.45
C PRO B 274 10.93 4.56 -13.17
N SER B 275 9.93 5.40 -12.87
CA SER B 275 9.09 5.22 -11.69
C SER B 275 7.65 5.59 -11.98
N PRO B 283 2.37 9.30 -16.33
CA PRO B 283 1.98 8.07 -17.05
C PRO B 283 2.43 8.13 -18.50
N ARG B 284 3.06 9.25 -18.87
CA ARG B 284 3.54 9.46 -20.22
C ARG B 284 4.47 8.32 -20.63
N ALA B 285 5.70 8.36 -20.13
CA ALA B 285 6.69 7.34 -20.42
C ALA B 285 6.53 6.18 -19.44
N ARG B 286 6.13 5.02 -19.96
CA ARG B 286 5.94 3.87 -19.09
C ARG B 286 6.94 2.75 -19.37
N SER B 287 6.72 2.03 -20.47
CA SER B 287 7.60 0.92 -20.83
C SER B 287 8.86 1.33 -21.59
N GLY B 288 9.48 2.42 -21.18
CA GLY B 288 10.68 2.87 -21.85
C GLY B 288 11.96 2.39 -21.19
N ARG B 289 12.82 1.73 -21.96
CA ARG B 289 14.09 1.23 -21.44
C ARG B 289 15.19 2.21 -21.84
N LEU B 290 16.13 2.44 -20.93
CA LEU B 290 17.23 3.36 -21.18
C LEU B 290 18.57 2.65 -21.26
N ARG B 291 19.36 3.00 -22.27
CA ARG B 291 20.68 2.42 -22.48
C ARG B 291 21.66 3.45 -23.01
N ALA B 292 22.92 3.31 -22.63
CA ALA B 292 23.96 4.24 -23.08
C ALA B 292 25.31 3.55 -23.15
N ALA B 293 26.25 4.17 -23.85
CA ALA B 293 27.60 3.63 -24.01
C ALA B 293 28.57 4.75 -24.36
N GLU B 294 29.79 4.66 -23.84
CA GLU B 294 30.81 5.68 -24.10
C GLU B 294 31.90 5.12 -25.01
#